data_4HAM
#
_entry.id   4HAM
#
_cell.length_a   37.122
_cell.length_b   92.152
_cell.length_c   91.999
_cell.angle_alpha   90.00
_cell.angle_beta   90.00
_cell.angle_gamma   90.00
#
_symmetry.space_group_name_H-M   'C 2 2 21'
#
loop_
_entity.id
_entity.type
_entity.pdbx_description
1 polymer 'Lmo2241 protein'
2 non-polymer 'SULFATE ION'
3 non-polymer GLYCEROL
4 water water
#
_entity_poly.entity_id   1
_entity_poly.type   'polypeptide(L)'
_entity_poly.pdbx_seq_one_letter_code
;SNA(MSE)FTINTKSQLPIYEQIVQKIKEQVVKGVLQEGEKILSIREFASRIGVNPNTVSKAYQELERQEVIITVKGKGT
FIANQTDKLSSPKKLAETRTKLKETILDLVYLGVNIEEIHKLADEYSQDIIGGDVVEG
;
_entity_poly.pdbx_strand_id   A
#
# COMPACT_ATOMS: atom_id res chain seq x y z
N SER A 1 -12.51 2.09 -8.29
CA SER A 1 -12.27 0.78 -8.88
C SER A 1 -11.33 -0.06 -8.04
N ASN A 2 -10.79 0.55 -6.99
N ASN A 2 -10.83 0.54 -6.97
CA ASN A 2 -10.11 -0.20 -5.96
CA ASN A 2 -10.08 -0.22 -5.97
C ASN A 2 -11.07 -1.24 -5.39
C ASN A 2 -11.04 -1.18 -5.27
N ALA A 3 -10.53 -2.32 -4.84
CA ALA A 3 -11.36 -3.32 -4.16
C ALA A 3 -11.50 -2.88 -2.72
N PHE A 5 -11.60 -3.34 1.35
CA PHE A 5 -10.66 -4.06 2.19
C PHE A 5 -11.01 -3.90 3.66
N THR A 6 -10.29 -4.66 4.47
CA THR A 6 -10.47 -4.63 5.90
C THR A 6 -9.67 -3.50 6.53
N ILE A 7 -10.30 -2.75 7.42
CA ILE A 7 -9.59 -1.77 8.22
C ILE A 7 -9.70 -2.19 9.69
N ASN A 8 -8.58 -2.17 10.39
CA ASN A 8 -8.51 -2.60 11.79
C ASN A 8 -8.25 -1.40 12.67
N THR A 9 -9.27 -0.98 13.41
CA THR A 9 -9.19 0.25 14.19
C THR A 9 -8.33 0.10 15.45
N LYS A 10 -7.95 -1.13 15.78
CA LYS A 10 -7.06 -1.36 16.91
C LYS A 10 -5.62 -1.63 16.48
N SER A 11 -5.36 -1.45 15.19
CA SER A 11 -4.03 -1.65 14.63
C SER A 11 -3.07 -0.57 15.13
N GLN A 12 -1.78 -0.88 15.17
CA GLN A 12 -0.76 0.12 15.41
C GLN A 12 -0.68 1.14 14.26
N LEU A 13 -1.20 0.77 13.09
CA LEU A 13 -1.18 1.69 11.96
C LEU A 13 -2.41 2.59 11.94
N PRO A 14 -2.21 3.91 11.86
CA PRO A 14 -3.31 4.87 11.71
C PRO A 14 -4.18 4.48 10.52
N ILE A 15 -5.46 4.85 10.57
CA ILE A 15 -6.37 4.50 9.48
C ILE A 15 -5.84 4.98 8.13
N TYR A 16 -5.32 6.21 8.06
CA TYR A 16 -4.88 6.73 6.77
C TYR A 16 -3.75 5.84 6.20
N GLU A 17 -2.89 5.35 7.07
N GLU A 17 -2.87 5.37 7.08
CA GLU A 17 -1.77 4.51 6.65
CA GLU A 17 -1.76 4.50 6.66
C GLU A 17 -2.24 3.15 6.18
C GLU A 17 -2.25 3.15 6.16
N GLN A 18 -3.29 2.62 6.80
CA GLN A 18 -3.87 1.35 6.38
C GLN A 18 -4.39 1.48 4.96
N ILE A 19 -5.04 2.63 4.69
CA ILE A 19 -5.54 2.91 3.33
C ILE A 19 -4.40 3.01 2.35
N VAL A 20 -3.36 3.75 2.70
CA VAL A 20 -2.19 3.84 1.82
C VAL A 20 -1.64 2.44 1.51
N GLN A 21 -1.51 1.62 2.55
CA GLN A 21 -0.84 0.33 2.36
C GLN A 21 -1.70 -0.68 1.62
N LYS A 22 -3.02 -0.61 1.80
CA LYS A 22 -3.91 -1.50 1.07
C LYS A 22 -3.96 -1.16 -0.43
N ILE A 23 -3.99 0.13 -0.74
CA ILE A 23 -3.95 0.57 -2.14
C ILE A 23 -2.65 0.12 -2.80
N LYS A 24 -1.54 0.34 -2.10
N LYS A 24 -1.52 0.34 -2.11
CA LYS A 24 -0.22 -0.09 -2.59
CA LYS A 24 -0.22 -0.11 -2.63
C LYS A 24 -0.19 -1.61 -2.86
C LYS A 24 -0.21 -1.62 -2.89
N GLU A 25 -0.70 -2.38 -1.92
CA GLU A 25 -0.75 -3.85 -2.04
C GLU A 25 -1.62 -4.28 -3.22
N GLN A 26 -2.73 -3.60 -3.42
CA GLN A 26 -3.59 -3.92 -4.56
C GLN A 26 -2.92 -3.63 -5.90
N VAL A 27 -2.09 -2.59 -5.93
CA VAL A 27 -1.29 -2.34 -7.11
C VAL A 27 -0.29 -3.48 -7.30
N VAL A 28 0.39 -3.87 -6.23
CA VAL A 28 1.32 -5.01 -6.31
C VAL A 28 0.64 -6.27 -6.84
N LYS A 29 -0.58 -6.55 -6.37
CA LYS A 29 -1.34 -7.71 -6.80
C LYS A 29 -1.81 -7.65 -8.24
N GLY A 30 -1.82 -6.45 -8.83
CA GLY A 30 -2.39 -6.29 -10.16
C GLY A 30 -3.90 -6.12 -10.14
N VAL A 31 -4.48 -6.03 -8.94
CA VAL A 31 -5.90 -5.76 -8.81
C VAL A 31 -6.17 -4.34 -9.28
N LEU A 32 -5.23 -3.46 -8.97
CA LEU A 32 -5.21 -2.10 -9.53
C LEU A 32 -4.06 -2.02 -10.56
N GLN A 33 -4.37 -1.48 -11.73
CA GLN A 33 -3.40 -1.41 -12.82
C GLN A 33 -3.06 0.03 -13.12
N GLU A 34 -1.88 0.27 -13.69
N GLU A 34 -1.87 0.29 -13.65
CA GLU A 34 -1.47 1.59 -14.12
CA GLU A 34 -1.49 1.65 -13.98
C GLU A 34 -2.59 2.23 -14.95
C GLU A 34 -2.52 2.25 -14.93
N GLY A 35 -2.90 3.49 -14.65
CA GLY A 35 -3.89 4.21 -15.44
C GLY A 35 -5.32 3.98 -14.96
N GLU A 36 -5.53 3.02 -14.07
CA GLU A 36 -6.89 2.73 -13.63
C GLU A 36 -7.47 3.86 -12.77
N LYS A 37 -8.72 4.22 -13.02
CA LYS A 37 -9.36 5.29 -12.24
C LYS A 37 -9.86 4.72 -10.94
N ILE A 38 -9.50 5.33 -9.81
CA ILE A 38 -10.01 4.87 -8.53
C ILE A 38 -11.07 5.83 -8.02
N LEU A 39 -11.67 5.50 -6.88
CA LEU A 39 -12.72 6.33 -6.32
C LEU A 39 -12.19 7.68 -5.90
N SER A 40 -13.02 8.70 -6.04
CA SER A 40 -12.66 10.01 -5.57
C SER A 40 -12.61 9.93 -4.05
N ILE A 41 -11.97 10.92 -3.43
CA ILE A 41 -11.89 10.99 -1.98
C ILE A 41 -13.27 10.88 -1.34
N ARG A 42 -14.23 11.65 -1.83
CA ARG A 42 -15.56 11.63 -1.23
C ARG A 42 -16.33 10.32 -1.44
N GLU A 43 -16.24 9.78 -2.65
CA GLU A 43 -16.87 8.50 -2.98
C GLU A 43 -16.29 7.40 -2.10
N PHE A 44 -14.98 7.42 -1.93
CA PHE A 44 -14.30 6.38 -1.17
C PHE A 44 -14.66 6.49 0.32
N ALA A 45 -14.62 7.71 0.85
CA ALA A 45 -14.95 7.93 2.26
C ALA A 45 -16.40 7.54 2.55
N SER A 46 -17.28 7.83 1.61
CA SER A 46 -18.69 7.53 1.77
C SER A 46 -18.89 6.01 1.77
N ARG A 47 -18.18 5.32 0.91
N ARG A 47 -18.19 5.31 0.90
CA ARG A 47 -18.34 3.87 0.76
CA ARG A 47 -18.36 3.87 0.77
C ARG A 47 -17.79 3.11 1.97
C ARG A 47 -17.80 3.11 1.98
N ILE A 48 -16.63 3.50 2.46
CA ILE A 48 -16.02 2.76 3.57
C ILE A 48 -16.44 3.25 4.96
N GLY A 49 -17.05 4.43 5.01
CA GLY A 49 -17.55 4.95 6.28
C GLY A 49 -16.42 5.52 7.13
N VAL A 50 -15.49 6.19 6.45
CA VAL A 50 -14.34 6.82 7.09
C VAL A 50 -14.40 8.34 6.88
N ASN A 51 -13.92 9.08 7.87
CA ASN A 51 -13.76 10.53 7.76
C ASN A 51 -13.11 10.92 6.40
N PRO A 52 -13.81 11.73 5.59
CA PRO A 52 -13.26 12.21 4.31
C PRO A 52 -11.87 12.84 4.46
N ASN A 53 -11.63 13.52 5.58
CA ASN A 53 -10.30 14.10 5.83
C ASN A 53 -9.21 13.02 6.01
N THR A 54 -9.60 11.87 6.56
CA THR A 54 -8.69 10.73 6.67
C THR A 54 -8.35 10.16 5.30
N VAL A 55 -9.36 10.02 4.45
CA VAL A 55 -9.12 9.54 3.09
C VAL A 55 -8.28 10.53 2.28
N SER A 56 -8.50 11.81 2.49
CA SER A 56 -7.71 12.84 1.81
C SER A 56 -6.24 12.72 2.22
N LYS A 57 -6.00 12.47 3.49
CA LYS A 57 -4.66 12.30 4.02
C LYS A 57 -3.95 11.11 3.37
N ALA A 58 -4.69 10.00 3.22
CA ALA A 58 -4.17 8.81 2.58
C ALA A 58 -3.85 9.06 1.11
N TYR A 59 -4.75 9.72 0.40
CA TYR A 59 -4.52 10.02 -1.01
C TYR A 59 -3.34 10.96 -1.22
N GLN A 60 -3.18 11.93 -0.32
CA GLN A 60 -2.02 12.81 -0.37
C GLN A 60 -0.71 12.03 -0.20
N GLU A 61 -0.72 11.08 0.72
CA GLU A 61 0.46 10.25 0.96
C GLU A 61 0.72 9.31 -0.22
N LEU A 62 -0.34 8.74 -0.77
CA LEU A 62 -0.23 7.93 -1.98
C LEU A 62 0.34 8.73 -3.17
N GLU A 63 -0.08 9.97 -3.33
CA GLU A 63 0.45 10.80 -4.42
C GLU A 63 1.90 11.20 -4.15
N ARG A 64 2.22 11.46 -2.89
CA ARG A 64 3.60 11.77 -2.51
C ARG A 64 4.52 10.61 -2.90
N GLN A 65 4.07 9.39 -2.66
CA GLN A 65 4.86 8.20 -2.94
C GLN A 65 4.78 7.82 -4.41
N GLU A 66 4.01 8.60 -5.18
CA GLU A 66 3.81 8.39 -6.61
C GLU A 66 3.09 7.08 -6.95
N VAL A 67 2.19 6.66 -6.06
CA VAL A 67 1.38 5.48 -6.32
C VAL A 67 0.17 5.87 -7.15
N ILE A 68 -0.38 7.06 -6.87
CA ILE A 68 -1.53 7.57 -7.60
C ILE A 68 -1.23 8.97 -8.14
N ILE A 69 -2.08 9.43 -9.04
CA ILE A 69 -1.94 10.76 -9.64
C ILE A 69 -3.34 11.40 -9.74
N THR A 70 -3.45 12.67 -9.37
N THR A 70 -3.45 12.65 -9.34
CA THR A 70 -4.73 13.35 -9.44
CA THR A 70 -4.72 13.34 -9.47
C THR A 70 -4.73 14.35 -10.60
C THR A 70 -4.68 14.27 -10.66
N VAL A 71 -5.76 14.27 -11.44
CA VAL A 71 -5.87 15.17 -12.57
C VAL A 71 -7.13 16.00 -12.37
N LYS A 72 -6.94 17.31 -12.20
CA LYS A 72 -8.04 18.20 -11.82
C LYS A 72 -9.23 18.09 -12.76
N GLY A 73 -10.39 17.82 -12.20
CA GLY A 73 -11.63 17.71 -12.95
C GLY A 73 -11.77 16.42 -13.73
N LYS A 74 -10.79 15.54 -13.62
CA LYS A 74 -10.79 14.30 -14.40
C LYS A 74 -10.86 13.08 -13.48
N GLY A 75 -10.17 13.14 -12.35
CA GLY A 75 -10.23 12.05 -11.39
C GLY A 75 -8.89 11.65 -10.83
N THR A 76 -8.86 10.53 -10.10
CA THR A 76 -7.63 10.05 -9.50
C THR A 76 -7.32 8.68 -10.11
N PHE A 77 -6.06 8.47 -10.50
CA PHE A 77 -5.69 7.29 -11.28
C PHE A 77 -4.46 6.65 -10.66
N ILE A 78 -4.27 5.36 -10.92
CA ILE A 78 -3.03 4.71 -10.53
C ILE A 78 -1.90 5.23 -11.43
N ALA A 79 -0.78 5.64 -10.83
CA ALA A 79 0.30 6.28 -11.57
C ALA A 79 1.14 5.28 -12.34
N ASN A 80 2.01 5.80 -13.22
CA ASN A 80 2.90 4.95 -13.99
C ASN A 80 3.64 3.94 -13.14
N GLN A 81 3.64 2.69 -13.59
CA GLN A 81 4.21 1.59 -12.83
C GLN A 81 5.30 0.88 -13.64
N THR A 82 5.20 1.00 -14.96
CA THR A 82 6.08 0.26 -15.86
C THR A 82 7.55 0.66 -15.76
N ASP A 83 7.86 1.90 -16.10
CA ASP A 83 9.26 2.33 -16.14
C ASP A 83 9.60 3.36 -15.07
N LYS A 84 8.90 3.29 -13.94
CA LYS A 84 9.13 4.21 -12.84
C LYS A 84 10.47 3.93 -12.18
N LEU A 85 11.16 5.00 -11.81
CA LEU A 85 12.39 4.88 -11.02
C LEU A 85 12.06 5.05 -9.55
N SER A 86 12.26 3.99 -8.78
CA SER A 86 11.97 4.01 -7.35
C SER A 86 12.85 5.03 -6.66
N SER A 87 12.24 5.87 -5.82
CA SER A 87 12.98 6.89 -5.08
C SER A 87 14.08 6.26 -4.24
N PRO A 88 15.34 6.60 -4.55
CA PRO A 88 16.48 6.05 -3.82
C PRO A 88 16.38 6.36 -2.33
N LYS A 89 15.88 7.54 -1.98
CA LYS A 89 15.69 7.92 -0.59
C LYS A 89 14.65 7.03 0.10
N LYS A 90 13.55 6.74 -0.59
CA LYS A 90 12.53 5.87 -0.01
C LYS A 90 13.07 4.46 0.16
N LEU A 91 13.84 3.99 -0.81
CA LEU A 91 14.47 2.67 -0.75
C LEU A 91 15.40 2.57 0.45
N ALA A 92 16.22 3.59 0.62
CA ALA A 92 17.16 3.68 1.73
C ALA A 92 16.43 3.66 3.06
N GLU A 93 15.37 4.46 3.16
CA GLU A 93 14.58 4.52 4.40
C GLU A 93 13.92 3.19 4.70
N THR A 94 13.48 2.50 3.65
CA THR A 94 12.78 1.24 3.81
C THR A 94 13.74 0.13 4.19
N ARG A 95 14.96 0.16 3.63
CA ARG A 95 16.01 -0.77 4.04
C ARG A 95 16.38 -0.59 5.51
N THR A 96 16.43 0.64 5.97
CA THR A 96 16.68 0.90 7.40
C THR A 96 15.56 0.28 8.25
N LYS A 97 14.32 0.42 7.80
CA LYS A 97 13.20 -0.16 8.52
C LYS A 97 13.30 -1.68 8.58
N LEU A 98 13.79 -2.29 7.50
CA LEU A 98 14.01 -3.73 7.49
C LEU A 98 15.06 -4.11 8.52
N LYS A 99 16.14 -3.34 8.55
CA LYS A 99 17.22 -3.64 9.49
C LYS A 99 16.73 -3.57 10.93
N GLU A 100 16.03 -2.50 11.26
N GLU A 100 16.02 -2.50 11.28
CA GLU A 100 15.54 -2.28 12.62
CA GLU A 100 15.57 -2.33 12.66
C GLU A 100 14.54 -3.37 13.03
C GLU A 100 14.50 -3.35 13.05
N THR A 101 13.72 -3.81 12.08
CA THR A 101 12.72 -4.83 12.33
C THR A 101 13.39 -6.18 12.60
N ILE A 102 14.42 -6.48 11.80
CA ILE A 102 15.19 -7.69 12.03
C ILE A 102 15.88 -7.66 13.40
N LEU A 103 16.45 -6.52 13.77
CA LEU A 103 17.03 -6.40 15.11
C LEU A 103 15.98 -6.71 16.18
N ASP A 104 14.77 -6.17 16.00
CA ASP A 104 13.72 -6.38 17.00
C ASP A 104 13.33 -7.85 17.13
N LEU A 105 13.13 -8.51 15.99
CA LEU A 105 12.81 -9.92 15.98
C LEU A 105 13.93 -10.75 16.62
N VAL A 106 15.18 -10.50 16.22
CA VAL A 106 16.31 -11.25 16.75
C VAL A 106 16.42 -11.08 18.27
N TYR A 107 16.22 -9.85 18.74
CA TYR A 107 16.22 -9.61 20.17
C TYR A 107 15.13 -10.40 20.89
N LEU A 108 13.98 -10.54 20.25
CA LEU A 108 12.86 -11.25 20.83
C LEU A 108 13.00 -12.78 20.68
N GLY A 109 14.13 -13.22 20.15
CA GLY A 109 14.43 -14.64 20.10
C GLY A 109 14.03 -15.35 18.82
N VAL A 110 13.71 -14.58 17.78
CA VAL A 110 13.35 -15.17 16.47
C VAL A 110 14.63 -15.34 15.65
N ASN A 111 14.93 -16.56 15.23
CA ASN A 111 16.16 -16.77 14.47
C ASN A 111 16.02 -16.43 12.99
N ILE A 112 17.15 -16.33 12.32
CA ILE A 112 17.15 -15.92 10.91
C ILE A 112 16.38 -16.91 10.03
N GLU A 113 16.40 -18.18 10.40
CA GLU A 113 15.65 -19.20 9.66
C GLU A 113 14.15 -18.89 9.70
N GLU A 114 13.63 -18.56 10.87
N GLU A 114 13.66 -18.55 10.89
CA GLU A 114 12.21 -18.22 10.99
CA GLU A 114 12.26 -18.19 11.07
C GLU A 114 11.91 -16.89 10.28
C GLU A 114 11.91 -16.88 10.35
N ILE A 115 12.87 -15.96 10.32
CA ILE A 115 12.69 -14.70 9.61
C ILE A 115 12.57 -14.89 8.10
N HIS A 116 13.40 -15.74 7.51
CA HIS A 116 13.28 -16.05 6.09
C HIS A 116 11.91 -16.66 5.77
N LYS A 117 11.44 -17.53 6.66
CA LYS A 117 10.14 -18.18 6.51
C LYS A 117 9.02 -17.15 6.52
N LEU A 118 9.05 -16.26 7.51
CA LEU A 118 8.09 -15.16 7.59
C LEU A 118 8.14 -14.30 6.33
N ALA A 119 9.34 -14.00 5.85
CA ALA A 119 9.45 -13.14 4.67
C ALA A 119 8.80 -13.78 3.46
N ASP A 120 9.03 -15.07 3.28
CA ASP A 120 8.38 -15.79 2.20
C ASP A 120 6.86 -15.77 2.34
N GLU A 121 6.37 -16.01 3.56
CA GLU A 121 4.94 -16.06 3.80
C GLU A 121 4.28 -14.69 3.52
N TYR A 122 4.90 -13.62 4.00
CA TYR A 122 4.38 -12.27 3.79
C TYR A 122 4.47 -11.86 2.34
N SER A 123 5.60 -12.17 1.72
CA SER A 123 5.77 -11.94 0.30
C SER A 123 4.66 -12.62 -0.51
N GLN A 124 4.36 -13.88 -0.21
CA GLN A 124 3.32 -14.62 -0.92
C GLN A 124 1.94 -14.02 -0.68
N ASP A 125 1.69 -13.58 0.55
N ASP A 125 1.70 -13.54 0.54
CA ASP A 125 0.42 -12.95 0.90
CA ASP A 125 0.40 -12.96 0.88
C ASP A 125 0.25 -11.69 0.05
C ASP A 125 0.20 -11.62 0.17
N ILE A 126 1.30 -10.89 -0.01
CA ILE A 126 1.27 -9.61 -0.70
C ILE A 126 1.03 -9.80 -2.20
N ILE A 127 1.77 -10.72 -2.81
CA ILE A 127 1.64 -11.01 -4.24
C ILE A 127 0.26 -11.58 -4.56
N GLY A 128 -0.31 -12.34 -3.63
CA GLY A 128 -1.66 -12.81 -3.79
C GLY A 128 -1.85 -13.87 -4.86
N GLY A 129 -3.03 -13.88 -5.47
CA GLY A 129 -3.31 -14.82 -6.53
C GLY A 129 -3.02 -14.22 -7.91
N ASP A 130 -4.02 -14.20 -8.77
CA ASP A 130 -3.82 -13.71 -10.12
C ASP A 130 -5.12 -13.09 -10.64
N VAL A 131 -5.00 -11.92 -11.29
CA VAL A 131 -6.14 -11.25 -11.89
C VAL A 131 -5.93 -11.04 -13.38
N VAL A 132 -6.91 -11.45 -14.18
CA VAL A 132 -6.84 -11.27 -15.62
C VAL A 132 -8.13 -10.67 -16.15
N GLU A 133 -8.12 -10.35 -17.45
CA GLU A 133 -9.30 -9.88 -18.16
C GLU A 133 -9.35 -10.49 -19.55
N GLY A 134 -10.40 -11.27 -19.82
CA GLY A 134 -10.56 -11.92 -21.10
C GLY A 134 -9.71 -13.17 -21.23
#